data_7L92
#
_entry.id   7L92
#
_cell.length_a   89.068
_cell.length_b   89.068
_cell.length_c   218.679
_cell.angle_alpha   90.000
_cell.angle_beta   90.000
_cell.angle_gamma   120.000
#
_symmetry.space_group_name_H-M   'H 3'
#
loop_
_entity.id
_entity.type
_entity.pdbx_description
1 polymer 'Protein kinase C delta type'
2 non-polymer 'ZINC ION'
3 non-polymer 'DIACYL GLYCEROL'
4 non-polymer ETHANOL
5 non-polymer 'dodecyl 2-(trimethylammonio)ethyl phosphate'
6 water water
#
_entity_poly.entity_id   1
_entity_poly.type   'polypeptide(L)'
_entity_poly.pdbx_seq_one_letter_code
;MPHRFKVYNYMSPTFCDHCGSLLWGLVKQGLKCEDCGMNVHHKCREKVANLCG
;
_entity_poly.pdbx_strand_id   A,D,G,J,M,P,S,V
#
loop_
_chem_comp.id
_chem_comp.type
_chem_comp.name
_chem_comp.formula
DGA non-polymer 'DIACYL GLYCEROL' 'C39 H76 O5'
DPV non-polymer 'dodecyl 2-(trimethylammonio)ethyl phosphate' 'C17 H38 N O4 P'
EOH non-polymer ETHANOL 'C2 H6 O'
ZN non-polymer 'ZINC ION' 'Zn 2'
#
# COMPACT_ATOMS: atom_id res chain seq x y z
N MET A 1 10.46 -44.33 20.26
CA MET A 1 10.58 -42.99 20.81
CA MET A 1 10.70 -43.00 20.83
C MET A 1 11.07 -41.98 19.77
N PRO A 2 10.68 -40.72 19.93
CA PRO A 2 11.09 -39.70 18.98
C PRO A 2 12.55 -39.31 19.12
N HIS A 3 13.07 -38.74 18.04
CA HIS A 3 14.38 -38.09 18.05
C HIS A 3 14.33 -36.86 18.95
N ARG A 4 15.50 -36.42 19.40
CA ARG A 4 15.64 -35.16 20.17
C ARG A 4 16.65 -34.28 19.46
N PHE A 5 16.18 -33.53 18.46
CA PHE A 5 17.11 -32.73 17.67
C PHE A 5 17.50 -31.45 18.38
N LYS A 6 18.77 -31.10 18.25
CA LYS A 6 19.35 -29.92 18.87
C LYS A 6 20.19 -29.21 17.81
N VAL A 7 20.04 -27.89 17.72
CA VAL A 7 20.85 -27.11 16.79
C VAL A 7 22.33 -27.36 17.06
N TYR A 8 23.11 -27.51 16.00
CA TYR A 8 24.50 -27.91 16.07
C TYR A 8 25.34 -27.03 15.17
N ASN A 9 26.58 -26.80 15.59
CA ASN A 9 27.52 -26.00 14.82
C ASN A 9 28.47 -26.96 14.13
N TYR A 10 28.15 -27.28 12.88
CA TYR A 10 28.99 -28.20 12.16
C TYR A 10 30.30 -27.54 11.80
N MET A 11 31.29 -28.38 11.63
CA MET A 11 32.68 -27.96 11.46
CA MET A 11 32.68 -27.99 11.49
C MET A 11 33.28 -28.43 10.16
N SER A 12 33.08 -29.68 9.82
CA SER A 12 33.39 -30.45 8.64
C SER A 12 32.19 -30.41 7.71
N PRO A 13 32.43 -30.23 6.44
CA PRO A 13 31.35 -30.33 5.44
C PRO A 13 30.45 -31.52 5.66
N THR A 14 29.25 -31.26 6.18
CA THR A 14 28.33 -32.28 6.63
C THR A 14 27.08 -32.29 5.76
N PHE A 15 26.54 -33.47 5.50
CA PHE A 15 25.40 -33.63 4.62
C PHE A 15 24.18 -34.08 5.41
N CYS A 16 22.99 -33.68 4.94
CA CYS A 16 21.76 -34.03 5.61
C CYS A 16 21.48 -35.51 5.45
N ASP A 17 21.16 -36.21 6.55
CA ASP A 17 20.87 -37.63 6.46
C ASP A 17 19.50 -37.92 5.85
N HIS A 18 18.61 -36.93 5.75
CA HIS A 18 17.33 -37.13 5.10
C HIS A 18 17.42 -36.88 3.59
N CYS A 19 17.81 -35.66 3.20
CA CYS A 19 17.74 -35.26 1.81
C CYS A 19 19.05 -35.41 1.07
N GLY A 20 20.16 -35.62 1.78
CA GLY A 20 21.43 -35.84 1.15
C GLY A 20 22.23 -34.59 0.85
N SER A 21 21.64 -33.40 0.95
CA SER A 21 22.31 -32.17 0.55
C SER A 21 23.14 -31.57 1.68
N LEU A 22 24.07 -30.69 1.29
CA LEU A 22 25.00 -30.11 2.23
C LEU A 22 24.28 -29.21 3.23
N LEU A 23 24.81 -29.18 4.44
CA LEU A 23 24.32 -28.29 5.50
C LEU A 23 25.10 -26.98 5.37
N TRP A 24 24.49 -25.99 4.75
CA TRP A 24 25.21 -24.75 4.44
C TRP A 24 25.27 -23.82 5.64
N GLY A 25 26.36 -23.06 5.72
CA GLY A 25 26.50 -22.03 6.74
C GLY A 25 27.79 -22.16 7.51
N LEU A 26 28.01 -21.18 8.39
CA LEU A 26 29.17 -21.11 9.27
C LEU A 26 28.85 -21.73 10.62
N VAL A 27 27.67 -21.43 11.16
CA VAL A 27 27.20 -22.00 12.42
C VAL A 27 25.74 -22.35 12.28
N LYS A 28 25.26 -23.18 13.22
CA LYS A 28 23.84 -23.52 13.32
C LYS A 28 23.30 -24.01 11.97
N GLN A 29 24.12 -24.77 11.25
CA GLN A 29 23.78 -25.20 9.90
C GLN A 29 22.68 -26.27 9.88
N GLY A 30 22.45 -26.95 10.98
CA GLY A 30 21.51 -28.03 11.00
C GLY A 30 21.23 -28.47 12.43
N LEU A 31 20.53 -29.60 12.53
CA LEU A 31 20.16 -30.22 13.81
C LEU A 31 20.86 -31.56 13.95
N LYS A 32 21.48 -31.81 15.10
CA LYS A 32 22.03 -33.13 15.41
C LYS A 32 21.17 -33.73 16.51
N CYS A 33 20.71 -34.96 16.30
CA CYS A 33 19.86 -35.61 17.28
C CYS A 33 20.72 -36.01 18.48
N GLU A 34 20.28 -35.64 19.68
CA GLU A 34 21.11 -35.86 20.86
C GLU A 34 21.25 -37.33 21.23
N ASP A 35 20.30 -38.16 20.81
CA ASP A 35 20.34 -39.56 21.23
C ASP A 35 20.99 -40.47 20.20
N CYS A 36 20.80 -40.22 18.89
CA CYS A 36 21.32 -41.12 17.89
C CYS A 36 22.33 -40.52 16.91
N GLY A 37 22.56 -39.18 16.91
CA GLY A 37 23.61 -38.60 16.10
C GLY A 37 23.20 -38.18 14.70
N MET A 38 21.98 -38.47 14.30
CA MET A 38 21.53 -38.11 12.95
C MET A 38 21.58 -36.61 12.75
N ASN A 39 22.04 -36.18 11.56
CA ASN A 39 22.14 -34.77 11.20
C ASN A 39 21.10 -34.46 10.13
N VAL A 40 20.30 -33.39 10.34
CA VAL A 40 19.31 -32.98 9.35
C VAL A 40 19.26 -31.45 9.23
N HIS A 41 18.81 -30.99 8.06
CA HIS A 41 18.43 -29.58 7.93
C HIS A 41 17.31 -29.25 8.90
N HIS A 42 17.30 -27.99 9.36
CA HIS A 42 16.09 -27.51 10.06
C HIS A 42 14.84 -27.81 9.24
N LYS A 43 14.92 -27.64 7.92
CA LYS A 43 13.74 -27.80 7.07
C LYS A 43 13.36 -29.27 6.90
N CYS A 44 14.29 -30.21 7.12
CA CYS A 44 14.01 -31.64 6.96
C CYS A 44 13.60 -32.32 8.26
N ARG A 45 13.57 -31.59 9.37
CA ARG A 45 13.24 -32.21 10.66
C ARG A 45 11.87 -32.88 10.60
N GLU A 46 10.86 -32.15 10.13
CA GLU A 46 9.51 -32.68 10.03
C GLU A 46 9.37 -33.79 9.01
N LYS A 47 10.38 -34.02 8.17
CA LYS A 47 10.29 -34.93 7.04
C LYS A 47 10.80 -36.33 7.36
N VAL A 48 11.37 -36.55 8.54
CA VAL A 48 12.01 -37.82 8.90
C VAL A 48 11.09 -38.60 9.83
N ALA A 49 11.08 -39.93 9.69
CA ALA A 49 10.33 -40.78 10.61
C ALA A 49 10.81 -40.55 12.03
N ASN A 50 9.87 -40.33 12.95
CA ASN A 50 10.22 -39.93 14.31
C ASN A 50 10.35 -41.17 15.20
N LEU A 51 11.25 -42.07 14.80
CA LEU A 51 11.65 -43.23 15.62
C LEU A 51 13.17 -43.24 15.78
N CYS A 52 13.62 -42.99 16.99
CA CYS A 52 15.03 -42.85 17.31
C CYS A 52 15.54 -44.07 18.06
N PRO B 2 14.71 -14.90 19.52
CA PRO B 2 14.70 -15.18 20.96
C PRO B 2 14.41 -16.65 21.28
N HIS B 3 15.18 -17.23 22.19
CA HIS B 3 14.93 -18.61 22.57
C HIS B 3 13.65 -18.71 23.39
N ARG B 4 13.12 -19.93 23.47
CA ARG B 4 11.98 -20.27 24.30
C ARG B 4 12.43 -21.30 25.35
N PHE B 5 13.26 -20.84 26.29
CA PHE B 5 13.85 -21.72 27.29
C PHE B 5 12.82 -22.23 28.29
N LYS B 6 13.10 -23.39 28.85
CA LYS B 6 12.08 -24.01 29.69
C LYS B 6 12.69 -25.14 30.47
N VAL B 7 12.41 -25.17 31.79
CA VAL B 7 13.13 -26.09 32.66
C VAL B 7 12.86 -27.54 32.23
N TYR B 8 13.89 -28.38 32.31
CA TYR B 8 13.88 -29.69 31.69
C TYR B 8 14.52 -30.68 32.65
N ASN B 9 14.01 -31.93 32.68
CA ASN B 9 14.61 -32.99 33.49
C ASN B 9 15.56 -33.78 32.62
N TYR B 10 16.86 -33.65 32.86
CA TYR B 10 17.86 -34.39 32.10
C TYR B 10 18.07 -35.78 32.70
N MET B 11 18.10 -36.79 31.82
CA MET B 11 18.22 -38.17 32.25
CA MET B 11 18.21 -38.18 32.23
C MET B 11 19.62 -38.73 32.10
N SER B 12 20.52 -38.02 31.42
CA SER B 12 21.90 -38.41 31.17
C SER B 12 22.77 -37.17 31.32
N PRO B 13 24.05 -37.35 31.66
CA PRO B 13 24.93 -36.18 31.86
C PRO B 13 24.97 -35.31 30.62
N THR B 14 24.62 -34.04 30.80
CA THR B 14 24.40 -33.10 29.71
C THR B 14 25.14 -31.83 30.07
N PHE B 15 25.85 -31.24 29.11
CA PHE B 15 26.63 -30.04 29.42
C PHE B 15 25.90 -28.80 28.94
N CYS B 16 26.19 -27.70 29.61
CA CYS B 16 25.61 -26.41 29.23
C CYS B 16 26.22 -25.97 27.89
N ASP B 17 25.37 -25.61 26.93
CA ASP B 17 25.87 -25.23 25.61
C ASP B 17 26.63 -23.90 25.64
N HIS B 18 26.55 -23.13 26.73
CA HIS B 18 27.26 -21.86 26.81
C HIS B 18 28.60 -21.98 27.53
N CYS B 19 28.60 -22.44 28.77
CA CYS B 19 29.83 -22.46 29.56
C CYS B 19 30.59 -23.77 29.47
N GLY B 20 29.99 -24.81 28.89
CA GLY B 20 30.63 -26.09 28.76
C GLY B 20 30.68 -26.95 30.00
N SER B 21 30.10 -26.50 31.13
CA SER B 21 30.10 -27.34 32.32
C SER B 21 28.80 -28.13 32.46
N LEU B 22 28.87 -29.17 33.30
CA LEU B 22 27.76 -30.10 33.46
C LEU B 22 26.56 -29.40 34.04
N LEU B 23 25.36 -29.86 33.63
CA LEU B 23 24.11 -29.47 34.29
C LEU B 23 23.92 -30.44 35.45
N TRP B 24 24.37 -30.04 36.63
CA TRP B 24 24.40 -30.91 37.81
C TRP B 24 23.02 -31.04 38.46
N GLY B 25 22.76 -32.22 39.02
CA GLY B 25 21.55 -32.49 39.77
C GLY B 25 20.81 -33.70 39.24
N LEU B 26 19.72 -34.04 39.93
CA LEU B 26 18.90 -35.17 39.54
C LEU B 26 17.67 -34.78 38.72
N VAL B 27 17.10 -33.60 38.97
CA VAL B 27 15.95 -33.12 38.21
C VAL B 27 16.11 -31.63 37.97
N LYS B 28 15.35 -31.11 37.00
CA LYS B 28 15.34 -29.68 36.71
C LYS B 28 16.72 -29.03 36.67
N GLN B 29 17.69 -29.68 36.05
CA GLN B 29 19.06 -29.23 36.16
C GLN B 29 19.34 -28.04 35.27
N GLY B 30 18.42 -27.70 34.39
CA GLY B 30 18.64 -26.55 33.52
C GLY B 30 17.45 -26.32 32.63
N LEU B 31 17.68 -25.50 31.60
CA LEU B 31 16.66 -25.02 30.69
C LEU B 31 16.98 -25.52 29.28
N LYS B 32 15.94 -25.95 28.57
CA LYS B 32 16.03 -26.39 27.17
C LYS B 32 15.10 -25.56 26.28
N CYS B 33 15.65 -25.01 25.21
CA CYS B 33 14.83 -24.21 24.28
C CYS B 33 13.89 -25.08 23.47
N GLU B 34 12.59 -24.74 23.49
CA GLU B 34 11.57 -25.49 22.74
C GLU B 34 11.77 -25.44 21.24
N ASP B 35 12.59 -24.51 20.72
CA ASP B 35 12.71 -24.29 19.29
C ASP B 35 14.01 -24.86 18.71
N CYS B 36 15.14 -24.62 19.38
CA CYS B 36 16.41 -25.07 18.86
C CYS B 36 17.04 -26.20 19.68
N GLY B 37 16.46 -26.54 20.84
CA GLY B 37 16.98 -27.64 21.65
C GLY B 37 18.17 -27.32 22.52
N MET B 38 18.70 -26.10 22.46
CA MET B 38 19.84 -25.72 23.26
C MET B 38 19.58 -25.93 24.75
N ASN B 39 20.61 -26.39 25.45
CA ASN B 39 20.58 -26.68 26.89
C ASN B 39 21.47 -25.66 27.59
N VAL B 40 20.96 -24.99 28.64
CA VAL B 40 21.79 -24.07 29.42
C VAL B 40 21.46 -24.13 30.90
N HIS B 41 22.45 -23.74 31.71
CA HIS B 41 22.23 -23.44 33.11
C HIS B 41 21.24 -22.30 33.25
N HIS B 42 20.47 -22.30 34.34
CA HIS B 42 19.65 -21.14 34.66
C HIS B 42 20.52 -19.89 34.71
N LYS B 43 21.69 -19.99 35.34
CA LYS B 43 22.58 -18.85 35.50
C LYS B 43 23.26 -18.43 34.18
N CYS B 44 23.15 -19.24 33.13
CA CYS B 44 23.72 -18.92 31.82
C CYS B 44 22.68 -18.50 30.79
N ARG B 45 21.38 -18.56 31.14
CA ARG B 45 20.36 -18.04 30.23
C ARG B 45 20.72 -16.68 29.66
N GLU B 46 21.14 -15.76 30.54
CA GLU B 46 21.35 -14.39 30.09
C GLU B 46 22.50 -14.29 29.11
N LYS B 47 23.55 -15.08 29.33
CA LYS B 47 24.75 -14.97 28.50
C LYS B 47 24.41 -15.22 27.04
N VAL B 48 23.49 -16.15 26.78
CA VAL B 48 22.90 -16.31 25.46
C VAL B 48 21.83 -15.24 25.31
N ALA B 49 22.25 -13.98 25.32
CA ALA B 49 21.34 -12.87 25.04
C ALA B 49 20.81 -12.98 23.62
N ASN B 50 19.72 -13.74 23.44
CA ASN B 50 19.10 -14.02 22.13
C ASN B 50 20.00 -14.73 21.13
N LEU B 51 19.39 -15.04 19.99
CA LEU B 51 19.93 -15.61 18.75
C LEU B 51 19.55 -17.08 18.70
N CYS B 52 18.25 -17.34 18.62
CA CYS B 52 17.73 -18.67 18.40
C CYS B 52 17.64 -18.97 16.89
N MET C 1 -5.64 -13.59 3.06
CA MET C 1 -5.04 -14.47 2.09
C MET C 1 -3.63 -14.85 2.50
N PRO C 2 -3.31 -16.13 2.35
CA PRO C 2 -1.96 -16.61 2.68
C PRO C 2 -0.95 -16.25 1.60
N HIS C 3 0.32 -16.36 1.98
CA HIS C 3 1.41 -16.28 1.01
C HIS C 3 1.38 -17.52 0.13
N ARG C 4 2.05 -17.44 -1.02
CA ARG C 4 2.23 -18.60 -1.92
C ARG C 4 3.72 -18.73 -2.20
N PHE C 5 4.42 -19.40 -1.30
CA PHE C 5 5.87 -19.48 -1.42
C PHE C 5 6.28 -20.53 -2.44
N LYS C 6 7.33 -20.21 -3.20
CA LYS C 6 7.87 -21.06 -4.24
C LYS C 6 9.38 -21.06 -4.10
N VAL C 7 9.99 -22.25 -4.16
CA VAL C 7 11.44 -22.34 -4.13
C VAL C 7 12.04 -21.46 -5.21
N TYR C 8 13.18 -20.84 -4.90
CA TYR C 8 13.75 -19.81 -5.77
C TYR C 8 15.27 -19.91 -5.77
N ASN C 9 15.87 -19.57 -6.90
CA ASN C 9 17.32 -19.58 -7.06
C ASN C 9 17.81 -18.15 -6.94
N TYR C 10 18.37 -17.82 -5.80
CA TYR C 10 18.91 -16.49 -5.60
C TYR C 10 20.29 -16.43 -6.23
N MET C 11 20.60 -15.29 -6.85
CA MET C 11 21.89 -15.01 -7.46
CA MET C 11 21.96 -15.11 -7.34
C MET C 11 22.63 -13.85 -6.81
N SER C 12 22.04 -13.21 -5.80
CA SER C 12 22.62 -12.10 -5.07
C SER C 12 22.51 -12.40 -3.58
N PRO C 13 23.58 -12.17 -2.80
CA PRO C 13 23.50 -12.44 -1.36
C PRO C 13 22.25 -11.88 -0.70
N THR C 14 21.26 -12.76 -0.50
CA THR C 14 19.91 -12.39 -0.06
C THR C 14 19.69 -12.86 1.36
N PHE C 15 18.94 -12.07 2.14
CA PHE C 15 18.71 -12.34 3.55
C PHE C 15 17.23 -12.64 3.79
N CYS C 16 16.96 -13.48 4.81
CA CYS C 16 15.60 -13.91 5.11
C CYS C 16 14.81 -12.75 5.72
N ASP C 17 13.62 -12.50 5.17
CA ASP C 17 12.84 -11.37 5.67
C ASP C 17 12.22 -11.65 7.03
N HIS C 18 12.19 -12.91 7.47
CA HIS C 18 11.73 -13.23 8.82
C HIS C 18 12.90 -13.10 9.81
N CYS C 19 13.88 -13.99 9.70
CA CYS C 19 14.91 -14.11 10.73
C CYS C 19 16.10 -13.18 10.51
N GLY C 20 16.27 -12.63 9.32
CA GLY C 20 17.35 -11.70 9.03
C GLY C 20 18.63 -12.33 8.54
N SER C 21 18.77 -13.66 8.63
CA SER C 21 20.03 -14.31 8.31
C SER C 21 20.15 -14.59 6.80
N LEU C 22 21.37 -14.89 6.38
CA LEU C 22 21.65 -15.15 4.98
C LEU C 22 20.96 -16.43 4.49
N LEU C 23 20.55 -16.41 3.22
CA LEU C 23 20.00 -17.58 2.55
C LEU C 23 21.17 -18.32 1.92
N TRP C 24 21.65 -19.36 2.59
CA TRP C 24 22.89 -19.99 2.14
C TRP C 24 22.62 -21.00 1.03
N GLY C 25 23.64 -21.22 0.20
CA GLY C 25 23.57 -22.20 -0.86
C GLY C 25 23.85 -21.59 -2.22
N LEU C 26 23.91 -22.47 -3.22
CA LEU C 26 24.13 -22.06 -4.59
C LEU C 26 22.83 -22.00 -5.38
N VAL C 27 21.86 -22.85 -5.07
CA VAL C 27 20.53 -22.83 -5.66
C VAL C 27 19.51 -23.20 -4.60
N LYS C 28 18.23 -22.94 -4.90
CA LYS C 28 17.13 -23.31 -4.01
C LYS C 28 17.41 -22.89 -2.56
N GLN C 29 18.00 -21.72 -2.39
CA GLN C 29 18.42 -21.29 -1.05
C GLN C 29 17.25 -20.90 -0.16
N GLY C 30 16.06 -20.74 -0.70
CA GLY C 30 14.97 -20.20 0.08
C GLY C 30 13.72 -20.15 -0.76
N LEU C 31 12.68 -19.53 -0.20
CA LEU C 31 11.37 -19.43 -0.83
C LEU C 31 11.06 -17.96 -1.10
N LYS C 32 10.58 -17.66 -2.30
CA LYS C 32 10.06 -16.34 -2.63
C LYS C 32 8.55 -16.43 -2.80
N CYS C 33 7.80 -15.55 -2.13
CA CYS C 33 6.34 -15.59 -2.26
C CYS C 33 5.98 -15.06 -3.64
N GLU C 34 5.18 -15.84 -4.38
CA GLU C 34 4.87 -15.49 -5.77
C GLU C 34 4.03 -14.23 -5.87
N ASP C 35 3.32 -13.86 -4.82
CA ASP C 35 2.37 -12.75 -4.89
C ASP C 35 2.92 -11.47 -4.29
N CYS C 36 3.77 -11.54 -3.26
CA CYS C 36 4.29 -10.33 -2.64
C CYS C 36 5.82 -10.19 -2.65
N GLY C 37 6.57 -11.23 -3.01
CA GLY C 37 8.00 -11.09 -3.17
C GLY C 37 8.83 -11.32 -1.92
N MET C 38 8.19 -11.49 -0.77
CA MET C 38 8.90 -11.81 0.47
C MET C 38 9.79 -13.05 0.28
N ASN C 39 11.04 -12.97 0.79
CA ASN C 39 11.99 -14.09 0.75
C ASN C 39 12.16 -14.65 2.16
N VAL C 40 12.05 -15.98 2.30
CA VAL C 40 12.25 -16.62 3.60
C VAL C 40 13.03 -17.93 3.42
N HIS C 41 13.70 -18.34 4.51
CA HIS C 41 14.23 -19.70 4.57
C HIS C 41 13.11 -20.71 4.50
N HIS C 42 13.42 -21.89 3.93
CA HIS C 42 12.49 -23.00 4.06
C HIS C 42 12.07 -23.19 5.51
N LYS C 43 13.02 -23.02 6.44
CA LYS C 43 12.75 -23.31 7.85
C LYS C 43 11.92 -22.23 8.52
N CYS C 44 11.87 -21.01 7.95
CA CYS C 44 11.10 -19.91 8.51
C CYS C 44 9.71 -19.76 7.88
N ARG C 45 9.38 -20.57 6.88
CA ARG C 45 8.07 -20.46 6.23
CA ARG C 45 8.08 -20.45 6.24
C ARG C 45 6.94 -20.59 7.25
N GLU C 46 7.06 -21.55 8.16
CA GLU C 46 5.98 -21.77 9.13
C GLU C 46 5.91 -20.72 10.22
N LYS C 47 6.92 -19.86 10.36
CA LYS C 47 6.90 -18.85 11.40
C LYS C 47 6.38 -17.50 10.93
N VAL C 48 6.08 -17.32 9.66
CA VAL C 48 5.62 -16.01 9.20
C VAL C 48 4.11 -15.96 9.26
N ALA C 49 3.57 -14.83 9.69
CA ALA C 49 2.14 -14.56 9.63
C ALA C 49 1.64 -14.78 8.20
N ASN C 50 0.69 -15.72 8.05
CA ASN C 50 0.16 -16.07 6.73
C ASN C 50 -0.89 -15.06 6.27
N LEU C 51 -0.43 -13.81 6.09
CA LEU C 51 -1.26 -12.70 5.67
C LEU C 51 -0.52 -11.94 4.57
N CYS C 52 -0.89 -12.21 3.32
CA CYS C 52 -0.16 -11.69 2.16
C CYS C 52 -0.90 -10.57 1.43
N PRO D 2 17.14 7.05 1.95
CA PRO D 2 15.73 6.90 1.59
C PRO D 2 15.44 7.20 0.11
N HIS D 3 14.54 6.43 -0.49
CA HIS D 3 14.09 6.71 -1.84
C HIS D 3 13.22 7.96 -1.84
N ARG D 4 13.16 8.65 -2.99
CA ARG D 4 12.14 9.68 -3.23
C ARG D 4 11.18 9.15 -4.30
N PHE D 5 10.28 8.27 -3.87
CA PHE D 5 9.27 7.71 -4.75
C PHE D 5 8.22 8.74 -5.11
N LYS D 6 7.75 8.69 -6.35
CA LYS D 6 6.80 9.69 -6.78
C LYS D 6 5.99 9.09 -7.92
N VAL D 7 4.69 9.34 -7.92
CA VAL D 7 3.81 8.62 -8.85
C VAL D 7 4.24 8.92 -10.29
N TYR D 8 4.09 7.91 -11.16
CA TYR D 8 4.67 7.97 -12.50
C TYR D 8 3.66 7.38 -13.48
N ASN D 9 3.62 7.88 -14.73
CA ASN D 9 2.77 7.32 -15.79
C ASN D 9 3.60 6.38 -16.65
N TYR D 10 3.35 5.08 -16.53
CA TYR D 10 4.08 4.10 -17.35
C TYR D 10 3.45 3.94 -18.73
N MET D 11 4.29 3.95 -19.76
CA MET D 11 3.84 3.89 -21.15
CA MET D 11 3.84 3.88 -21.14
C MET D 11 3.96 2.49 -21.75
N SER D 12 4.66 1.58 -21.07
CA SER D 12 4.88 0.21 -21.50
C SER D 12 4.77 -0.69 -20.28
N PRO D 13 4.43 -1.97 -20.47
CA PRO D 13 4.23 -2.86 -19.31
C PRO D 13 5.49 -2.94 -18.47
N THR D 14 5.33 -2.64 -17.20
CA THR D 14 6.45 -2.47 -16.30
C THR D 14 6.16 -3.25 -15.04
N PHE D 15 7.16 -3.94 -14.50
CA PHE D 15 6.94 -4.78 -13.35
C PHE D 15 7.45 -4.10 -12.09
N CYS D 16 6.83 -4.45 -10.97
CA CYS D 16 7.22 -3.92 -9.68
C CYS D 16 8.58 -4.53 -9.31
N ASP D 17 9.54 -3.69 -8.93
CA ASP D 17 10.86 -4.23 -8.60
C ASP D 17 10.89 -4.99 -7.27
N HIS D 18 9.81 -5.02 -6.51
CA HIS D 18 9.76 -5.76 -5.26
C HIS D 18 9.03 -7.09 -5.39
N CYS D 19 7.78 -7.08 -5.83
CA CYS D 19 7.01 -8.30 -5.90
C CYS D 19 7.07 -9.00 -7.26
N GLY D 20 7.62 -8.34 -8.28
CA GLY D 20 7.73 -8.94 -9.59
C GLY D 20 6.44 -8.96 -10.39
N SER D 21 5.34 -8.40 -9.88
CA SER D 21 4.08 -8.32 -10.61
C SER D 21 3.95 -7.01 -11.38
N LEU D 22 3.13 -7.06 -12.43
CA LEU D 22 2.93 -5.92 -13.33
C LEU D 22 2.33 -4.74 -12.57
N LEU D 23 2.73 -3.52 -12.99
CA LEU D 23 2.09 -2.29 -12.51
C LEU D 23 0.88 -2.09 -13.42
N TRP D 24 -0.29 -2.56 -12.98
CA TRP D 24 -1.48 -2.56 -13.84
C TRP D 24 -2.14 -1.17 -13.91
N GLY D 25 -2.74 -0.88 -15.06
CA GLY D 25 -3.51 0.33 -15.27
C GLY D 25 -3.01 1.11 -16.46
N LEU D 26 -3.68 2.24 -16.72
CA LEU D 26 -3.32 3.08 -17.86
C LEU D 26 -2.49 4.30 -17.48
N VAL D 27 -2.68 4.81 -16.26
CA VAL D 27 -1.95 5.98 -15.78
C VAL D 27 -1.66 5.77 -14.30
N LYS D 28 -0.63 6.47 -13.79
CA LYS D 28 -0.36 6.48 -12.35
C LYS D 28 -0.31 5.08 -11.75
N GLN D 29 0.27 4.14 -12.48
CA GLN D 29 0.20 2.75 -12.06
C GLN D 29 1.13 2.43 -10.90
N GLY D 30 2.03 3.34 -10.56
CA GLY D 30 2.94 3.07 -9.45
C GLY D 30 3.86 4.25 -9.23
N LEU D 31 4.89 4.01 -8.43
CA LEU D 31 5.83 5.01 -7.93
C LEU D 31 7.20 4.72 -8.50
N LYS D 32 7.90 5.77 -8.91
CA LYS D 32 9.26 5.67 -9.42
C LYS D 32 10.18 6.54 -8.55
N CYS D 33 11.29 5.98 -8.10
CA CYS D 33 12.23 6.75 -7.30
C CYS D 33 13.00 7.74 -8.19
N GLU D 34 12.98 9.03 -7.82
CA GLU D 34 13.70 10.05 -8.56
C GLU D 34 15.22 9.88 -8.50
N ASP D 35 15.72 9.11 -7.53
CA ASP D 35 17.16 9.00 -7.31
C ASP D 35 17.76 7.74 -7.92
N CYS D 36 17.09 6.60 -7.80
CA CYS D 36 17.58 5.36 -8.36
C CYS D 36 16.72 4.79 -9.48
N GLY D 37 15.56 5.38 -9.77
CA GLY D 37 14.70 4.93 -10.86
C GLY D 37 13.89 3.68 -10.59
N MET D 38 13.95 3.12 -9.39
CA MET D 38 13.22 1.90 -9.07
C MET D 38 11.71 2.14 -9.18
N ASN D 39 11.00 1.12 -9.64
CA ASN D 39 9.55 1.14 -9.86
C ASN D 39 8.90 0.20 -8.85
N VAL D 40 7.88 0.68 -8.12
CA VAL D 40 7.14 -0.18 -7.20
C VAL D 40 5.65 0.17 -7.18
N HIS D 41 4.83 -0.83 -6.85
CA HIS D 41 3.45 -0.59 -6.51
C HIS D 41 3.35 0.36 -5.35
N HIS D 42 2.27 1.14 -5.31
CA HIS D 42 1.98 1.92 -4.10
C HIS D 42 2.01 1.01 -2.86
N LYS D 43 1.39 -0.18 -2.96
CA LYS D 43 1.28 -1.06 -1.79
C LYS D 43 2.60 -1.73 -1.41
N CYS D 44 3.63 -1.72 -2.27
CA CYS D 44 4.92 -2.33 -1.99
C CYS D 44 5.97 -1.34 -1.52
N ARG D 45 5.62 -0.05 -1.51
CA ARG D 45 6.57 0.96 -1.08
C ARG D 45 7.08 0.70 0.34
N GLU D 46 6.17 0.38 1.27
CA GLU D 46 6.51 0.10 2.67
C GLU D 46 7.18 -1.27 2.85
N LYS D 47 7.06 -2.11 1.82
CA LYS D 47 7.66 -3.45 1.78
C LYS D 47 9.20 -3.51 1.79
N VAL D 48 9.85 -2.52 1.17
CA VAL D 48 11.24 -2.20 1.45
C VAL D 48 11.46 -0.72 1.84
N ALA D 49 12.41 -0.45 2.74
CA ALA D 49 12.31 0.74 3.62
C ALA D 49 13.15 2.02 3.34
N ASN D 50 14.45 1.91 3.09
CA ASN D 50 15.32 3.07 3.12
C ASN D 50 16.65 2.68 2.48
N LEU D 51 16.57 1.80 1.48
CA LEU D 51 17.75 1.24 0.79
C LEU D 51 17.82 1.81 -0.63
N CYS D 52 18.02 3.12 -0.70
CA CYS D 52 18.32 3.76 -1.97
C CYS D 52 19.82 3.94 -2.12
N MET E 1 -16.28 1.52 14.65
CA MET E 1 -16.48 2.34 13.45
C MET E 1 -15.30 2.44 12.46
N PRO E 2 -14.19 1.73 12.68
CA PRO E 2 -13.20 1.60 11.60
C PRO E 2 -13.57 0.46 10.66
N HIS E 3 -13.26 0.66 9.39
CA HIS E 3 -13.41 -0.41 8.42
C HIS E 3 -12.46 -1.55 8.77
N ARG E 4 -12.83 -2.75 8.33
CA ARG E 4 -11.98 -3.94 8.43
C ARG E 4 -11.62 -4.40 7.02
N PHE E 5 -10.71 -3.67 6.37
CA PHE E 5 -10.36 -3.96 4.99
C PHE E 5 -9.46 -5.18 4.89
N LYS E 6 -9.71 -5.99 3.87
CA LYS E 6 -8.86 -7.15 3.58
C LYS E 6 -8.73 -7.28 2.06
N VAL E 7 -7.55 -7.73 1.64
CA VAL E 7 -7.32 -7.91 0.20
C VAL E 7 -8.35 -8.89 -0.37
N TYR E 8 -8.82 -8.60 -1.58
CA TYR E 8 -9.92 -9.34 -2.19
C TYR E 8 -9.59 -9.64 -3.66
N ASN E 9 -10.04 -10.80 -4.16
CA ASN E 9 -9.89 -11.16 -5.57
C ASN E 9 -11.17 -10.79 -6.31
N TYR E 10 -11.12 -9.76 -7.15
CA TYR E 10 -12.30 -9.34 -7.89
C TYR E 10 -12.44 -10.13 -9.19
N MET E 11 -13.64 -10.63 -9.48
CA MET E 11 -13.88 -11.46 -10.65
CA MET E 11 -13.86 -11.45 -10.65
C MET E 11 -14.52 -10.71 -11.80
N SER E 12 -14.96 -9.47 -11.58
CA SER E 12 -15.59 -8.60 -12.57
C SER E 12 -15.08 -7.19 -12.36
N PRO E 13 -15.07 -6.36 -13.41
CA PRO E 13 -14.56 -4.98 -13.27
C PRO E 13 -15.30 -4.22 -12.18
N THR E 14 -14.51 -3.77 -11.20
CA THR E 14 -15.02 -3.15 -9.99
C THR E 14 -14.28 -1.85 -9.79
N PHE E 15 -15.00 -0.79 -9.41
CA PHE E 15 -14.39 0.51 -9.25
C PHE E 15 -14.14 0.81 -7.78
N CYS E 16 -13.15 1.66 -7.54
CA CYS E 16 -12.83 2.07 -6.19
C CYS E 16 -13.94 2.99 -5.67
N ASP E 17 -14.48 2.70 -4.47
CA ASP E 17 -15.55 3.52 -3.92
C ASP E 17 -15.08 4.90 -3.45
N HIS E 18 -13.78 5.15 -3.39
CA HIS E 18 -13.29 6.49 -3.07
C HIS E 18 -12.98 7.33 -4.32
N CYS E 19 -12.07 6.86 -5.17
CA CYS E 19 -11.64 7.63 -6.33
C CYS E 19 -12.45 7.38 -7.60
N GLY E 20 -13.28 6.33 -7.63
CA GLY E 20 -14.07 6.01 -8.80
C GLY E 20 -13.34 5.36 -9.95
N SER E 21 -12.03 5.11 -9.84
CA SER E 21 -11.28 4.43 -10.90
C SER E 21 -11.30 2.92 -10.71
N LEU E 22 -11.01 2.20 -11.80
CA LEU E 22 -11.06 0.74 -11.80
C LEU E 22 -10.01 0.16 -10.84
N LEU E 23 -10.37 -0.96 -10.20
CA LEU E 23 -9.39 -1.78 -9.47
C LEU E 23 -8.74 -2.67 -10.51
N TRP E 24 -7.60 -2.23 -11.05
CA TRP E 24 -6.97 -2.93 -12.17
C TRP E 24 -6.22 -4.19 -11.72
N GLY E 25 -6.23 -5.21 -12.57
CA GLY E 25 -5.44 -6.40 -12.33
C GLY E 25 -6.28 -7.67 -12.41
N LEU E 26 -5.61 -8.81 -12.23
CA LEU E 26 -6.29 -10.09 -12.30
C LEU E 26 -6.60 -10.70 -10.94
N VAL E 27 -5.78 -10.42 -9.92
CA VAL E 27 -6.02 -10.91 -8.57
C VAL E 27 -5.63 -9.81 -7.60
N LYS E 28 -6.15 -9.90 -6.36
CA LYS E 28 -5.74 -8.99 -5.28
C LYS E 28 -5.72 -7.52 -5.71
N GLN E 29 -6.74 -7.11 -6.47
CA GLN E 29 -6.72 -5.79 -7.06
C GLN E 29 -7.07 -4.68 -6.08
N GLY E 30 -7.50 -5.03 -4.88
CA GLY E 30 -7.84 -4.01 -3.90
C GLY E 30 -8.35 -4.65 -2.62
N LEU E 31 -8.95 -3.81 -1.76
CA LEU E 31 -9.34 -4.16 -0.40
C LEU E 31 -10.85 -4.08 -0.28
N LYS E 32 -11.45 -5.04 0.42
CA LYS E 32 -12.88 -5.06 0.70
C LYS E 32 -13.11 -5.09 2.21
N CYS E 33 -14.03 -4.25 2.69
CA CYS E 33 -14.34 -4.21 4.12
C CYS E 33 -15.28 -5.36 4.49
N GLU E 34 -14.81 -6.24 5.37
CA GLU E 34 -15.59 -7.23 6.11
C GLU E 34 -17.00 -6.84 6.53
N ASP E 35 -17.21 -5.57 6.89
CA ASP E 35 -18.44 -5.16 7.56
C ASP E 35 -19.39 -4.39 6.68
N CYS E 36 -18.89 -3.49 5.83
CA CYS E 36 -19.74 -2.71 4.95
C CYS E 36 -19.57 -3.03 3.47
N GLY E 37 -18.58 -3.86 3.11
CA GLY E 37 -18.41 -4.29 1.73
C GLY E 37 -17.79 -3.27 0.79
N MET E 38 -17.42 -2.09 1.28
CA MET E 38 -16.76 -1.06 0.46
C MET E 38 -15.50 -1.62 -0.19
N ASN E 39 -15.26 -1.20 -1.44
CA ASN E 39 -14.10 -1.61 -2.23
C ASN E 39 -13.21 -0.40 -2.42
N VAL E 40 -11.90 -0.52 -2.13
CA VAL E 40 -10.96 0.57 -2.37
C VAL E 40 -9.62 0.03 -2.83
N HIS E 41 -8.91 0.88 -3.57
CA HIS E 41 -7.50 0.69 -3.88
C HIS E 41 -6.71 0.65 -2.58
N HIS E 42 -5.58 -0.10 -2.60
CA HIS E 42 -4.66 -0.04 -1.48
C HIS E 42 -4.26 1.41 -1.18
N LYS E 43 -3.96 2.18 -2.24
CA LYS E 43 -3.50 3.56 -2.07
C LYS E 43 -4.62 4.53 -1.64
N CYS E 44 -5.89 4.11 -1.70
CA CYS E 44 -7.02 4.95 -1.28
C CYS E 44 -7.55 4.59 0.10
N ARG E 45 -7.03 3.54 0.71
CA ARG E 45 -7.48 3.14 2.05
C ARG E 45 -7.37 4.29 3.04
N GLU E 46 -6.28 5.06 2.98
CA GLU E 46 -6.04 6.15 3.92
C GLU E 46 -6.83 7.40 3.55
N LYS E 47 -8.02 7.23 2.95
CA LYS E 47 -8.89 8.33 2.60
C LYS E 47 -10.28 8.15 3.17
N VAL E 48 -10.60 6.97 3.71
CA VAL E 48 -11.93 6.64 4.18
C VAL E 48 -11.85 6.06 5.59
N ALA E 49 -10.68 6.19 6.22
CA ALA E 49 -10.43 5.52 7.48
C ALA E 49 -11.40 6.00 8.56
N ASN E 50 -11.97 5.04 9.30
CA ASN E 50 -12.78 5.27 10.52
C ASN E 50 -14.14 5.96 10.28
N LEU E 51 -14.81 5.58 9.18
CA LEU E 51 -16.23 5.90 8.94
C LEU E 51 -17.27 4.75 8.76
N CYS E 52 -16.86 3.50 8.96
CA CYS E 52 -17.57 2.33 8.52
C CYS E 52 -18.93 2.35 9.20
N MET F 1 2.72 14.97 -9.38
CA MET F 1 1.60 15.12 -10.31
C MET F 1 0.45 15.90 -9.68
N PRO F 2 -0.09 16.85 -10.44
CA PRO F 2 -1.17 17.69 -9.92
C PRO F 2 -2.51 16.99 -9.95
N HIS F 3 -3.42 17.50 -9.13
CA HIS F 3 -4.81 17.10 -9.20
C HIS F 3 -5.40 17.59 -10.53
N ARG F 4 -6.50 16.95 -10.95
CA ARG F 4 -7.26 17.39 -12.14
C ARG F 4 -8.71 17.57 -11.69
N PHE F 5 -9.00 18.75 -11.13
CA PHE F 5 -10.35 18.95 -10.60
C PHE F 5 -11.36 19.21 -11.71
N LYS F 6 -12.57 18.71 -11.51
CA LYS F 6 -13.67 18.88 -12.45
C LYS F 6 -14.94 19.18 -11.65
N VAL F 7 -15.69 20.19 -12.08
CA VAL F 7 -16.97 20.49 -11.45
C VAL F 7 -17.86 19.25 -11.41
N TYR F 8 -18.62 19.11 -10.31
CA TYR F 8 -19.37 17.90 -9.99
C TYR F 8 -20.73 18.26 -9.41
N ASN F 9 -21.70 17.38 -9.60
CA ASN F 9 -23.04 17.54 -9.05
C ASN F 9 -23.20 16.58 -7.87
N TYR F 10 -23.10 17.14 -6.67
CA TYR F 10 -23.22 16.29 -5.47
C TYR F 10 -24.66 16.04 -5.12
N MET F 11 -24.93 14.88 -4.54
CA MET F 11 -26.29 14.44 -4.41
C MET F 11 -26.66 14.13 -2.97
N SER F 12 -25.70 14.20 -2.06
CA SER F 12 -25.94 14.09 -0.64
C SER F 12 -24.95 15.01 0.05
N PRO F 13 -25.30 15.51 1.24
CA PRO F 13 -24.46 16.49 1.94
C PRO F 13 -22.98 16.13 2.03
N THR F 14 -22.20 16.74 1.16
CA THR F 14 -20.76 16.49 1.02
C THR F 14 -19.98 17.67 1.57
N PHE F 15 -18.85 17.38 2.21
CA PHE F 15 -18.03 18.40 2.86
C PHE F 15 -16.70 18.54 2.14
N CYS F 16 -16.16 19.76 2.16
CA CYS F 16 -14.90 20.05 1.49
C CYS F 16 -13.75 19.35 2.19
N ASP F 17 -12.94 18.60 1.42
CA ASP F 17 -11.83 17.90 2.05
C ASP F 17 -10.71 18.83 2.49
N HIS F 18 -10.73 20.10 2.08
CA HIS F 18 -9.74 21.05 2.55
C HIS F 18 -10.22 21.78 3.81
N CYS F 19 -11.34 22.51 3.70
CA CYS F 19 -11.77 23.38 4.78
C CYS F 19 -12.78 22.73 5.70
N GLY F 20 -13.32 21.57 5.34
CA GLY F 20 -14.24 20.85 6.19
C GLY F 20 -15.69 21.31 6.13
N SER F 21 -15.99 22.40 5.42
CA SER F 21 -17.33 22.97 5.40
C SER F 21 -18.16 22.37 4.28
N LEU F 22 -19.48 22.46 4.44
CA LEU F 22 -20.41 21.86 3.49
C LEU F 22 -20.32 22.50 2.10
N LEU F 23 -20.54 21.68 1.07
CA LEU F 23 -20.59 22.15 -0.32
C LEU F 23 -22.04 22.51 -0.62
N TRP F 24 -22.34 23.80 -0.55
CA TRP F 24 -23.72 24.26 -0.67
C TRP F 24 -24.16 24.35 -2.13
N GLY F 25 -25.45 24.19 -2.34
CA GLY F 25 -26.03 24.29 -3.66
C GLY F 25 -26.86 23.06 -4.02
N LEU F 26 -27.53 23.17 -5.16
CA LEU F 26 -28.26 22.07 -5.75
C LEU F 26 -27.43 21.34 -6.80
N VAL F 27 -26.57 22.06 -7.52
CA VAL F 27 -25.72 21.48 -8.54
C VAL F 27 -24.40 22.23 -8.57
N LYS F 28 -23.38 21.61 -9.19
CA LYS F 28 -22.08 22.26 -9.34
C LYS F 28 -21.56 22.80 -8.01
N GLN F 29 -21.77 22.06 -6.95
CA GLN F 29 -21.48 22.61 -5.64
C GLN F 29 -19.99 22.66 -5.33
N GLY F 30 -19.16 21.95 -6.08
CA GLY F 30 -17.74 21.90 -5.82
C GLY F 30 -17.05 21.18 -6.95
N LEU F 31 -15.77 20.88 -6.72
CA LEU F 31 -14.94 20.17 -7.69
C LEU F 31 -14.54 18.81 -7.14
N LYS F 32 -14.64 17.77 -7.97
CA LYS F 32 -14.11 16.46 -7.64
C LYS F 32 -12.88 16.18 -8.50
N CYS F 33 -11.78 15.72 -7.88
CA CYS F 33 -10.58 15.47 -8.66
C CYS F 33 -10.78 14.18 -9.43
N GLU F 34 -10.55 14.21 -10.75
CA GLU F 34 -10.87 13.07 -11.60
C GLU F 34 -9.95 11.89 -11.33
N ASP F 35 -8.80 12.11 -10.73
CA ASP F 35 -7.85 11.03 -10.54
C ASP F 35 -7.85 10.46 -9.13
N CYS F 36 -8.08 11.28 -8.10
CA CYS F 36 -8.05 10.76 -6.75
C CYS F 36 -9.37 10.92 -5.98
N GLY F 37 -10.38 11.62 -6.52
CA GLY F 37 -11.67 11.64 -5.87
C GLY F 37 -11.86 12.73 -4.81
N MET F 38 -10.80 13.47 -4.49
CA MET F 38 -10.93 14.53 -3.48
C MET F 38 -11.96 15.56 -3.92
N ASN F 39 -12.77 16.02 -2.95
CA ASN F 39 -13.82 17.01 -3.16
C ASN F 39 -13.40 18.31 -2.48
N VAL F 40 -13.45 19.44 -3.23
CA VAL F 40 -13.15 20.75 -2.66
C VAL F 40 -14.12 21.80 -3.18
N HIS F 41 -14.25 22.87 -2.41
CA HIS F 41 -14.93 24.07 -2.93
C HIS F 41 -14.15 24.63 -4.10
N HIS F 42 -14.89 25.27 -5.02
CA HIS F 42 -14.22 26.06 -6.05
C HIS F 42 -13.22 27.01 -5.41
N LYS F 43 -13.60 27.63 -4.29
CA LYS F 43 -12.78 28.65 -3.68
C LYS F 43 -11.54 28.05 -3.04
N CYS F 44 -11.58 26.78 -2.65
CA CYS F 44 -10.48 26.09 -1.96
C CYS F 44 -9.51 25.38 -2.90
N ARG F 45 -9.76 25.38 -4.22
CA ARG F 45 -8.87 24.67 -5.15
C ARG F 45 -7.44 25.17 -5.02
N GLU F 46 -7.27 26.49 -5.03
CA GLU F 46 -5.95 27.09 -4.97
C GLU F 46 -5.25 26.81 -3.66
N LYS F 47 -5.99 26.43 -2.63
CA LYS F 47 -5.41 26.23 -1.32
C LYS F 47 -4.92 24.81 -1.08
N VAL F 48 -5.22 23.88 -1.97
CA VAL F 48 -4.88 22.47 -1.78
CA VAL F 48 -4.86 22.49 -1.73
C VAL F 48 -3.48 22.21 -2.32
N ALA F 49 -2.67 21.47 -1.57
CA ALA F 49 -1.37 21.03 -2.07
C ALA F 49 -1.58 20.25 -3.36
N ASN F 50 -1.11 20.80 -4.47
CA ASN F 50 -1.42 20.26 -5.79
C ASN F 50 -0.51 19.07 -6.09
N LEU F 51 -0.74 17.97 -5.37
CA LEU F 51 0.14 16.81 -5.46
C LEU F 51 -0.76 15.58 -5.30
N CYS F 52 -1.05 14.91 -6.43
CA CYS F 52 -2.14 13.92 -6.53
C CYS F 52 -1.66 12.47 -6.66
N MET G 1 -8.00 52.03 -9.00
CA MET G 1 -8.08 51.42 -7.69
C MET G 1 -8.82 50.09 -7.68
N PRO G 2 -8.26 49.14 -6.95
CA PRO G 2 -8.90 47.82 -6.84
C PRO G 2 -10.03 47.81 -5.83
N HIS G 3 -10.87 46.78 -5.96
CA HIS G 3 -11.87 46.49 -4.94
C HIS G 3 -11.18 46.07 -3.65
N ARG G 4 -11.92 46.14 -2.55
CA ARG G 4 -11.45 45.63 -1.24
C ARG G 4 -12.54 44.72 -0.68
N PHE G 5 -12.53 43.46 -1.10
CA PHE G 5 -13.58 42.53 -0.69
C PHE G 5 -13.37 42.02 0.73
N LYS G 6 -14.46 41.85 1.47
CA LYS G 6 -14.40 41.22 2.78
C LYS G 6 -15.59 40.29 2.92
N VAL G 7 -15.33 39.12 3.50
CA VAL G 7 -16.38 38.14 3.73
C VAL G 7 -17.55 38.78 4.47
N TYR G 8 -18.76 38.41 4.07
CA TYR G 8 -19.98 39.03 4.54
C TYR G 8 -21.01 37.97 4.84
N ASN G 9 -21.88 38.25 5.82
CA ASN G 9 -22.92 37.33 6.22
C ASN G 9 -24.24 37.87 5.68
N TYR G 10 -24.58 37.43 4.49
CA TYR G 10 -25.89 37.74 3.94
C TYR G 10 -26.92 37.00 4.76
N MET G 11 -28.05 37.66 4.99
CA MET G 11 -29.21 37.00 5.55
C MET G 11 -30.46 37.40 4.79
N SER G 12 -30.27 37.96 3.61
CA SER G 12 -31.28 38.12 2.60
C SER G 12 -30.80 37.42 1.34
N PRO G 13 -31.65 36.63 0.68
CA PRO G 13 -31.22 35.90 -0.53
C PRO G 13 -30.55 36.78 -1.59
N THR G 14 -29.24 36.60 -1.79
CA THR G 14 -28.40 37.49 -2.58
C THR G 14 -27.71 36.74 -3.72
N PHE G 15 -27.54 37.41 -4.85
CA PHE G 15 -26.94 36.81 -6.04
C PHE G 15 -25.61 37.47 -6.38
N CYS G 16 -24.70 36.69 -6.97
CA CYS G 16 -23.38 37.18 -7.31
C CYS G 16 -23.49 38.23 -8.42
N ASP G 17 -22.87 39.39 -8.23
CA ASP G 17 -22.91 40.39 -9.30
C ASP G 17 -22.04 40.02 -10.48
N HIS G 18 -21.15 39.03 -10.35
CA HIS G 18 -20.37 38.58 -11.50
C HIS G 18 -21.12 37.50 -12.28
N CYS G 19 -21.37 36.36 -11.64
CA CYS G 19 -21.88 35.21 -12.35
C CYS G 19 -23.41 35.11 -12.34
N GLY G 20 -24.09 35.87 -11.49
CA GLY G 20 -25.53 35.86 -11.43
C GLY G 20 -26.16 34.85 -10.49
N SER G 21 -25.41 33.86 -10.00
CA SER G 21 -25.98 32.77 -9.21
C SER G 21 -26.12 33.13 -7.74
N LEU G 22 -26.94 32.36 -7.04
CA LEU G 22 -27.16 32.59 -5.62
C LEU G 22 -25.89 32.38 -4.80
N LEU G 23 -25.75 33.16 -3.74
CA LEU G 23 -24.70 33.01 -2.74
C LEU G 23 -25.24 32.05 -1.69
N TRP G 24 -24.85 30.79 -1.79
CA TRP G 24 -25.41 29.76 -0.92
C TRP G 24 -24.76 29.75 0.46
N GLY G 25 -25.54 29.34 1.46
CA GLY G 25 -25.03 29.13 2.80
C GLY G 25 -25.76 29.97 3.85
N LEU G 26 -25.47 29.64 5.11
CA LEU G 26 -26.03 30.35 6.25
C LEU G 26 -25.21 31.58 6.63
N VAL G 27 -23.90 31.48 6.52
CA VAL G 27 -23.01 32.58 6.83
C VAL G 27 -21.84 32.57 5.85
N LYS G 28 -21.13 33.70 5.80
CA LYS G 28 -19.92 33.80 5.00
C LYS G 28 -20.17 33.30 3.57
N GLN G 29 -21.33 33.64 3.01
CA GLN G 29 -21.72 33.12 1.69
C GLN G 29 -20.96 33.78 0.54
N GLY G 30 -20.37 34.94 0.76
CA GLY G 30 -19.70 35.63 -0.31
C GLY G 30 -18.88 36.77 0.24
N LEU G 31 -18.40 37.60 -0.69
CA LEU G 31 -17.57 38.76 -0.39
C LEU G 31 -18.31 40.02 -0.81
N LYS G 32 -18.34 41.03 0.06
CA LYS G 32 -18.87 42.34 -0.27
C LYS G 32 -17.71 43.32 -0.34
N CYS G 33 -17.63 44.11 -1.40
CA CYS G 33 -16.56 45.06 -1.51
C CYS G 33 -16.84 46.22 -0.56
N GLU G 34 -15.88 46.53 0.31
CA GLU G 34 -16.11 47.54 1.33
C GLU G 34 -16.27 48.94 0.76
N ASP G 35 -15.79 49.18 -0.46
CA ASP G 35 -15.83 50.53 -0.99
C ASP G 35 -17.01 50.78 -1.93
N CYS G 36 -17.43 49.76 -2.71
CA CYS G 36 -18.51 49.97 -3.66
C CYS G 36 -19.71 49.07 -3.45
N GLY G 37 -19.65 48.06 -2.58
CA GLY G 37 -20.82 47.28 -2.25
C GLY G 37 -21.07 46.07 -3.15
N MET G 38 -20.31 45.91 -4.22
CA MET G 38 -20.39 44.72 -5.07
C MET G 38 -20.33 43.44 -4.24
N ASN G 39 -21.24 42.50 -4.55
CA ASN G 39 -21.27 41.17 -3.95
C ASN G 39 -20.78 40.12 -4.95
N VAL G 40 -19.82 39.28 -4.56
CA VAL G 40 -19.37 38.17 -5.40
C VAL G 40 -19.16 36.90 -4.56
N HIS G 41 -19.22 35.75 -5.25
CA HIS G 41 -18.75 34.52 -4.65
C HIS G 41 -17.27 34.62 -4.37
N HIS G 42 -16.81 33.90 -3.34
CA HIS G 42 -15.36 33.73 -3.17
C HIS G 42 -14.70 33.28 -4.47
N LYS G 43 -15.32 32.32 -5.17
CA LYS G 43 -14.70 31.79 -6.38
C LYS G 43 -14.67 32.80 -7.51
N CYS G 44 -15.53 33.83 -7.46
CA CYS G 44 -15.62 34.80 -8.55
C CYS G 44 -14.76 36.05 -8.32
N ARG G 45 -14.09 36.18 -7.16
CA ARG G 45 -13.33 37.39 -6.87
C ARG G 45 -12.29 37.66 -7.95
N GLU G 46 -11.52 36.64 -8.33
CA GLU G 46 -10.46 36.86 -9.30
C GLU G 46 -10.99 37.01 -10.72
N LYS G 47 -12.28 36.77 -10.94
CA LYS G 47 -12.85 36.93 -12.28
C LYS G 47 -13.40 38.33 -12.54
N VAL G 48 -13.53 39.18 -11.52
CA VAL G 48 -14.07 40.53 -11.69
C VAL G 48 -12.94 41.50 -12.01
N ALA G 49 -13.20 42.43 -12.92
CA ALA G 49 -12.24 43.50 -13.22
C ALA G 49 -11.94 44.27 -11.94
N ASN G 50 -10.65 44.43 -11.64
CA ASN G 50 -10.21 45.09 -10.42
C ASN G 50 -10.15 46.61 -10.62
N LEU G 51 -11.35 47.19 -10.78
CA LEU G 51 -11.50 48.63 -10.98
C LEU G 51 -12.72 49.08 -10.18
N CYS G 52 -12.48 49.61 -8.98
CA CYS G 52 -13.55 49.94 -8.04
C CYS G 52 -13.84 51.45 -7.97
N MET H 1 -22.53 31.67 -18.13
CA MET H 1 -21.11 31.95 -18.31
C MET H 1 -20.59 31.03 -19.42
N PRO H 2 -19.59 31.47 -20.19
CA PRO H 2 -19.13 30.66 -21.33
C PRO H 2 -17.97 29.73 -20.98
N HIS H 3 -18.11 28.45 -21.33
CA HIS H 3 -17.00 27.51 -21.15
C HIS H 3 -15.84 27.91 -22.04
N ARG H 4 -14.65 27.43 -21.68
CA ARG H 4 -13.42 27.58 -22.48
C ARG H 4 -12.92 26.20 -22.91
N PHE H 5 -13.68 25.57 -23.80
CA PHE H 5 -13.34 24.22 -24.29
C PHE H 5 -12.09 24.23 -25.14
N LYS H 6 -11.22 23.26 -24.89
CA LYS H 6 -10.09 23.01 -25.77
C LYS H 6 -9.91 21.51 -25.99
N VAL H 7 -9.44 21.16 -27.17
CA VAL H 7 -9.26 19.73 -27.47
C VAL H 7 -8.20 19.15 -26.54
N TYR H 8 -8.43 17.91 -26.11
CA TYR H 8 -7.66 17.30 -25.03
C TYR H 8 -7.34 15.85 -25.38
N ASN H 9 -6.16 15.35 -24.95
CA ASN H 9 -5.78 13.95 -25.15
C ASN H 9 -6.11 13.20 -23.87
N TYR H 10 -7.11 12.33 -23.94
CA TYR H 10 -7.53 11.53 -22.79
C TYR H 10 -6.69 10.26 -22.71
N MET H 11 -6.21 9.96 -21.50
CA MET H 11 -5.32 8.82 -21.28
CA MET H 11 -5.32 8.82 -21.28
C MET H 11 -6.05 7.59 -20.73
N SER H 12 -7.28 7.76 -20.29
CA SER H 12 -8.11 6.71 -19.70
C SER H 12 -9.54 6.89 -20.18
N PRO H 13 -10.33 5.81 -20.21
CA PRO H 13 -11.69 5.92 -20.77
C PRO H 13 -12.50 6.96 -20.02
N THR H 14 -12.98 7.94 -20.76
CA THR H 14 -13.63 9.11 -20.20
C THR H 14 -14.95 9.31 -20.92
N PHE H 15 -16.00 9.61 -20.16
CA PHE H 15 -17.34 9.75 -20.76
C PHE H 15 -17.68 11.21 -20.95
N CYS H 16 -18.52 11.46 -21.93
CA CYS H 16 -18.98 12.80 -22.20
C CYS H 16 -19.92 13.26 -21.08
N ASP H 17 -19.66 14.43 -20.51
CA ASP H 17 -20.52 14.94 -19.43
C ASP H 17 -21.92 15.32 -19.91
N HIS H 18 -22.18 15.41 -21.20
CA HIS H 18 -23.53 15.72 -21.69
C HIS H 18 -24.32 14.48 -22.08
N CYS H 19 -23.81 13.67 -23.01
CA CYS H 19 -24.58 12.52 -23.48
C CYS H 19 -24.30 11.24 -22.74
N GLY H 20 -23.27 11.21 -21.88
CA GLY H 20 -22.92 10.04 -21.10
C GLY H 20 -22.21 8.94 -21.84
N SER H 21 -21.89 9.12 -23.13
CA SER H 21 -21.17 8.09 -23.87
C SER H 21 -19.66 8.35 -23.92
N LEU H 22 -18.91 7.29 -24.19
CA LEU H 22 -17.45 7.34 -24.16
C LEU H 22 -16.93 8.33 -25.18
N LEU H 23 -15.83 9.03 -24.84
CA LEU H 23 -15.04 9.80 -25.80
C LEU H 23 -14.10 8.80 -26.49
N TRP H 24 -14.51 8.29 -27.65
CA TRP H 24 -13.75 7.22 -28.30
C TRP H 24 -12.53 7.77 -29.04
N GLY H 25 -11.50 6.94 -29.14
CA GLY H 25 -10.28 7.27 -29.88
C GLY H 25 -9.03 7.16 -29.02
N LEU H 26 -7.88 7.37 -29.66
CA LEU H 26 -6.62 7.32 -28.93
CA LEU H 26 -6.61 7.32 -28.96
C LEU H 26 -6.06 8.69 -28.59
N VAL H 27 -6.40 9.73 -29.36
CA VAL H 27 -5.96 11.10 -29.09
C VAL H 27 -7.09 12.04 -29.49
N LYS H 28 -7.05 13.26 -28.91
CA LYS H 28 -7.96 14.34 -29.31
C LYS H 28 -9.42 13.89 -29.28
N GLN H 29 -9.78 13.08 -28.28
CA GLN H 29 -11.08 12.44 -28.35
C GLN H 29 -12.22 13.39 -27.99
N GLY H 30 -11.89 14.56 -27.48
CA GLY H 30 -12.94 15.52 -27.17
C GLY H 30 -12.36 16.78 -26.58
N LEU H 31 -13.22 17.56 -25.93
CA LEU H 31 -12.94 18.92 -25.51
C LEU H 31 -13.05 18.97 -23.99
N LYS H 32 -12.11 19.65 -23.35
CA LYS H 32 -12.12 19.87 -21.91
C LYS H 32 -12.19 21.37 -21.63
N CYS H 33 -13.11 21.77 -20.75
CA CYS H 33 -13.22 23.20 -20.40
C CYS H 33 -12.08 23.57 -19.45
N GLU H 34 -11.29 24.56 -19.86
CA GLU H 34 -10.12 24.96 -19.09
C GLU H 34 -10.47 25.65 -17.78
N ASP H 35 -11.76 25.91 -17.53
CA ASP H 35 -12.20 26.58 -16.31
C ASP H 35 -12.93 25.66 -15.35
N CYS H 36 -13.81 24.80 -15.85
CA CYS H 36 -14.58 23.90 -15.01
C CYS H 36 -14.20 22.44 -15.18
N GLY H 37 -13.35 22.11 -16.16
CA GLY H 37 -12.87 20.75 -16.35
C GLY H 37 -13.82 19.80 -17.06
N MET H 38 -15.03 20.24 -17.40
CA MET H 38 -16.01 19.38 -18.03
C MET H 38 -15.51 18.82 -19.36
N ASN H 39 -15.86 17.57 -19.63
CA ASN H 39 -15.42 16.83 -20.82
C ASN H 39 -16.61 16.63 -21.73
N VAL H 40 -16.49 17.00 -23.02
CA VAL H 40 -17.58 16.76 -23.96
C VAL H 40 -17.05 16.36 -25.33
N HIS H 41 -17.87 15.60 -26.06
CA HIS H 41 -17.68 15.37 -27.48
C HIS H 41 -17.67 16.69 -28.22
N HIS H 42 -16.96 16.74 -29.35
CA HIS H 42 -17.03 17.90 -30.23
C HIS H 42 -18.48 18.20 -30.61
N LYS H 43 -19.22 17.15 -30.99
CA LYS H 43 -20.61 17.28 -31.43
C LYS H 43 -21.58 17.65 -30.31
N CYS H 44 -21.19 17.53 -29.04
CA CYS H 44 -22.04 17.88 -27.92
C CYS H 44 -21.76 19.26 -27.35
N ARG H 45 -20.67 19.91 -27.78
CA ARG H 45 -20.35 21.24 -27.27
C ARG H 45 -21.52 22.20 -27.42
N GLU H 46 -22.27 22.09 -28.52
CA GLU H 46 -23.41 22.96 -28.81
C GLU H 46 -24.69 22.55 -28.05
N LYS H 47 -24.57 21.78 -26.97
CA LYS H 47 -25.68 21.54 -26.05
C LYS H 47 -25.39 22.10 -24.67
N VAL H 48 -24.30 22.84 -24.51
CA VAL H 48 -23.78 23.18 -23.18
C VAL H 48 -23.25 24.61 -23.21
N ALA H 49 -23.32 25.27 -24.38
CA ALA H 49 -22.55 26.48 -24.66
C ALA H 49 -22.64 27.53 -23.56
N ASN H 50 -23.68 27.51 -22.75
CA ASN H 50 -23.71 28.30 -21.52
C ASN H 50 -24.07 27.41 -20.35
N LEU H 51 -23.21 27.45 -19.32
CA LEU H 51 -23.44 26.95 -17.96
C LEU H 51 -22.10 26.64 -17.31
N CYS H 52 -21.11 27.51 -17.49
CA CYS H 52 -19.85 27.30 -16.79
C CYS H 52 -19.89 27.96 -15.42
ZN ZN I . 17.67 -39.83 17.08
ZN ZN J . 17.91 -32.00 4.32
CA1 DGA K . 29.59 -23.95 3.94
CA1 DGA K . 29.34 -23.97 3.81
CA2 DGA K . 30.57 -23.36 2.96
CA2 DGA K . 30.26 -23.44 2.74
CA3 DGA K . 31.54 -22.48 3.72
CA3 DGA K . 31.40 -22.70 3.42
CA4 DGA K . 31.37 -21.01 3.34
CA4 DGA K . 31.21 -21.19 3.38
CA5 DGA K . 32.47 -20.16 3.96
CA5 DGA K . 32.41 -20.47 3.96
CA6 DGA K . 33.85 -20.64 3.54
CA6 DGA K . 33.71 -21.18 3.62
CA7 DGA K . 34.59 -19.59 2.71
CA7 DGA K . 34.89 -20.21 3.58
CA8 DGA K . 35.93 -20.11 2.22
CA8 DGA K . 34.67 -19.14 2.54
OA1 DGA K . 28.39 -23.69 3.87
OA1 DGA K . 28.17 -23.63 3.87
CB1 DGA K . 32.05 -25.79 7.38
CB1 DGA K . 31.46 -25.89 7.92
CB2 DGA K . 32.84 -24.59 7.89
CB2 DGA K . 32.75 -26.07 7.17
CB3 DGA K . 33.29 -23.75 6.70
CB3 DGA K . 33.18 -24.73 6.61
CB4 DGA K . 33.48 -22.27 7.03
CB4 DGA K . 33.42 -23.73 7.75
CB5 DGA K . 34.27 -22.06 8.32
CB5 DGA K . 33.70 -22.33 7.21
CB6 DGA K . 34.54 -20.57 8.58
CB6 DGA K . 34.47 -21.52 8.22
CB7 DGA K . 35.55 -20.01 7.59
CB7 DGA K . 34.56 -20.06 7.78
CB8 DGA K . 35.89 -18.57 7.94
CB8 DGA K . 35.76 -19.37 8.40
OB1 DGA K . 32.60 -26.84 7.08
OB1 DGA K . 31.40 -25.95 9.14
OG1 DGA K . 30.06 -24.84 4.98
OG1 DGA K . 29.87 -24.88 4.80
CG1 DGA K . 29.45 -26.10 5.19
CG1 DGA K . 29.23 -26.12 5.08
CG2 DGA K . 30.09 -26.74 6.41
CG2 DGA K . 29.92 -26.70 6.31
OG2 DGA K . 30.61 -25.69 7.23
OG2 DGA K . 30.25 -25.61 7.17
CG3 DGA K . 29.05 -27.52 7.21
CG3 DGA K . 29.00 -27.65 7.06
OXT DGA K . 28.30 -28.37 6.32
OXT DGA K . 28.32 -28.49 6.13
CA1 DGA L . 28.40 -28.36 -2.83
CA2 DGA L . 28.74 -27.88 -4.23
CA3 DGA L . 29.94 -26.94 -4.21
CA4 DGA L . 30.75 -27.03 -5.51
CA5 DGA L . 29.85 -27.29 -6.72
CA6 DGA L . 30.26 -26.44 -7.91
CA7 DGA L . 30.17 -24.95 -7.59
CA8 DGA L . 31.47 -24.22 -7.87
OA1 DGA L . 29.19 -28.20 -1.92
CB1 DGA L . 24.84 -31.75 -3.00
CB2 DGA L . 25.89 -32.77 -3.37
CB3 DGA L . 26.91 -32.15 -4.31
CB4 DGA L . 27.06 -32.90 -5.63
CB5 DGA L . 26.15 -32.34 -6.72
CB6 DGA L . 26.65 -32.71 -8.12
CB7 DGA L . 25.51 -33.23 -8.99
CB8 DGA L . 25.88 -33.22 -10.46
OB1 DGA L . 23.69 -31.85 -3.40
OG1 DGA L . 27.13 -29.04 -2.57
CG1 DGA L . 26.01 -28.76 -3.40
CG2 DGA L . 24.77 -29.40 -2.80
OG2 DGA L . 25.17 -30.61 -2.15
CG3 DGA L . 24.15 -28.44 -1.79
OXT DGA L . 22.77 -28.25 -2.11
C1 EOH M . 14.49 -31.31 21.80
C2 EOH M . 15.93 -31.75 21.60
O EOH M . 13.79 -32.20 22.62
ZN ZN N . 16.54 -21.54 20.86
ZN ZN O . 26.41 -22.88 31.84
CA1 DGA P . 24.79 -35.39 38.21
CA2 DGA P . 25.50 -36.49 38.97
CA3 DGA P . 24.48 -37.11 39.89
CA4 DGA P . 25.13 -37.98 40.96
CA5 DGA P . 24.15 -38.33 42.07
CA6 DGA P . 24.80 -38.18 43.45
CA7 DGA P . 25.22 -39.51 44.06
CA8 DGA P . 26.38 -40.15 43.33
OA1 DGA P . 24.67 -34.27 38.68
CB1 DGA P . 21.76 -37.31 35.06
CB2 DGA P . 20.56 -38.07 35.55
CB3 DGA P . 20.86 -38.70 36.89
CB4 DGA P . 22.09 -39.58 36.77
CB5 DGA P . 22.06 -40.63 37.86
CB6 DGA P . 23.16 -40.35 38.87
CB7 DGA P . 23.09 -41.35 40.01
CB8 DGA P . 24.43 -41.48 40.70
OB1 DGA P . 22.60 -37.75 34.29
OG1 DGA P . 24.21 -35.65 36.91
CG1 DGA P . 23.66 -34.58 36.13
CG2 DGA P . 23.00 -35.29 34.95
OG2 DGA P . 21.92 -36.00 35.55
CG3 DGA P . 22.40 -34.30 33.93
OXT DGA P . 23.46 -33.44 33.45
N DPV Q . 25.41 -36.77 25.93
P DPV Q . 26.12 -40.66 28.12
C1 DPV Q . 27.89 -39.92 30.00
C2 DPV Q . 28.24 -40.42 31.41
C3 DPV Q . 29.74 -40.47 31.60
C4 DPV Q . 24.75 -38.98 26.70
C5 DPV Q . 24.51 -37.47 26.82
C6 DPV Q . 26.78 -36.98 26.37
C7 DPV Q . 25.13 -35.34 25.98
C8 DPV Q . 25.26 -37.25 24.57
C15 DPV Q . 30.16 -40.36 33.06
C16 DPV Q . 31.38 -41.23 33.31
C17 DPV Q . 31.45 -41.79 34.72
C18 DPV Q . 31.80 -43.28 34.66
C19 DPV Q . 33.24 -43.50 34.20
O1P DPV Q . 25.51 -42.01 27.86
C20 DPV Q . 33.77 -44.86 34.61
C21 DPV Q . 35.17 -44.77 35.22
C22 DPV Q . 35.21 -45.33 36.64
C23 DPV Q . 33.93 -45.04 37.42
O2P DPV Q . 27.19 -40.36 27.08
O3P DPV Q . 26.78 -40.65 29.65
O4P DPV Q . 25.01 -39.47 27.98
ZN ZN R . 3.13 -12.98 0.09
ZN ZN S . 15.00 -17.24 8.14
CA1 DGA T . 24.32 -16.16 -4.88
CA2 DGA T . 24.59 -16.93 -6.14
CA3 DGA T . 26.10 -17.02 -6.37
CA4 DGA T . 26.74 -17.90 -5.33
CA5 DGA T . 28.12 -18.35 -5.79
CA6 DGA T . 28.01 -19.12 -7.10
CA7 DGA T . 29.40 -19.53 -7.58
CA8 DGA T . 29.32 -20.50 -8.74
OA1 DGA T . 24.57 -14.96 -4.78
CB1 DGA T . 25.78 -17.97 -0.32
CB2 DGA T . 27.24 -17.57 -0.16
CB3 DGA T . 28.20 -18.76 -0.27
CB4 DGA T . 28.21 -19.41 -1.66
CB5 DGA T . 29.58 -19.38 -2.34
CB6 DGA T . 30.59 -20.26 -1.61
CB7 DGA T . 31.98 -19.63 -1.63
CB8 DGA T . 32.84 -20.10 -0.47
OB1 DGA T . 25.47 -19.14 -0.45
OG1 DGA T . 23.76 -16.85 -3.74
CG1 DGA T . 24.65 -17.14 -2.67
CG2 DGA T . 23.82 -17.09 -1.41
OG2 DGA T . 24.73 -16.95 -0.30
CG3 DGA T . 22.87 -15.89 -1.61
OXT DGA T . 21.91 -15.72 -0.56
CA1 DGA U . 23.92 -16.63 9.49
CA2 DGA U . 23.36 -16.15 10.81
CA3 DGA U . 24.26 -15.14 11.50
CA4 DGA U . 25.35 -15.79 12.35
CA5 DGA U . 25.52 -14.98 13.62
CA6 DGA U . 26.35 -15.75 14.64
CA7 DGA U . 27.68 -16.17 14.01
CA8 DGA U . 28.63 -16.70 15.07
OA1 DGA U . 23.73 -17.79 9.14
CB1 DGA U . 27.05 -13.65 7.42
CB2 DGA U . 27.92 -14.17 8.56
CB3 DGA U . 27.96 -13.29 9.83
CB4 DGA U . 29.32 -12.71 10.17
CB5 DGA U . 30.44 -13.70 9.89
CB6 DGA U . 31.55 -13.00 9.12
CB7 DGA U . 32.56 -14.00 8.60
CB8 DGA U . 33.93 -13.40 8.77
OB1 DGA U . 27.38 -13.87 6.25
OG1 DGA U . 24.68 -15.76 8.59
CG1 DGA U . 24.10 -14.57 8.06
CG2 DGA U . 24.90 -13.39 8.60
OG2 DGA U . 25.82 -12.88 7.62
CG3 DGA U . 23.98 -12.27 9.06
OXT DGA U . 23.04 -12.80 10.00
ZN ZN V . 15.74 5.00 -4.80
ZN ZN W . 4.74 -4.80 -6.10
CA1 DGA X . -2.01 -2.87 -18.35
CA2 DGA X . -2.58 -3.77 -19.44
CA3 DGA X . -4.06 -3.50 -19.58
CA4 DGA X . -4.24 -2.14 -20.22
CA5 DGA X . -5.20 -2.26 -21.41
CA6 DGA X . -6.35 -3.20 -21.09
CA7 DGA X . -6.87 -3.81 -22.39
CA8 DGA X . -7.50 -2.77 -23.27
OA1 DGA X . -2.52 -2.76 -17.25
CB1 DGA X . 1.04 0.31 -20.25
CB2 DGA X . 0.58 1.61 -20.85
CB3 DGA X . -0.85 1.47 -21.32
CB4 DGA X . -0.87 0.81 -22.69
CB5 DGA X . -1.21 -0.65 -22.58
CB6 DGA X . -0.44 -1.39 -23.67
CB7 DGA X . -0.52 -2.93 -23.55
CB8 DGA X . -1.90 -3.41 -23.94
OB1 DGA X . 1.75 -0.47 -20.83
OG1 DGA X . -0.79 -2.15 -18.63
CG1 DGA X . 0.10 -1.78 -17.57
CG2 DGA X . 1.24 -1.05 -18.27
OG2 DGA X . 0.58 0.02 -18.93
CG3 DGA X . 2.20 -0.47 -17.24
OXT DGA X . 2.83 -1.53 -16.50
N DPV Y . 3.88 -13.34 -12.38
P DPV Y . 1.06 -10.35 -13.44
C1 DPV Y . 1.35 -10.18 -16.06
C2 DPV Y . 0.48 -9.83 -17.27
C3 DPV Y . 1.30 -9.88 -18.55
C4 DPV Y . 1.90 -12.12 -11.74
C5 DPV Y . 2.48 -13.51 -12.00
C6 DPV Y . 4.00 -12.49 -13.55
C7 DPV Y . 4.44 -14.65 -12.71
C8 DPV Y . 4.60 -12.75 -11.26
C15 DPV Y . 1.25 -8.55 -19.29
C16 DPV Y . -0.10 -8.36 -19.98
C17 DPV Y . 0.06 -7.58 -21.28
C18 DPV Y . -0.38 -8.42 -22.48
C19 DPV Y . 0.77 -9.23 -23.09
O1P DPV Y . 0.19 -9.42 -12.64
C20 DPV Y . 0.92 -8.98 -24.60
C21 DPV Y . 2.07 -9.75 -25.25
C22 DPV Y . 2.08 -9.54 -26.75
C23 DPV Y . 1.40 -10.70 -27.50
O2P DPV Y . 2.48 -9.85 -13.42
O3P DPV Y . 0.49 -10.39 -14.98
O4P DPV Y . 1.04 -11.85 -12.80
ZN ZN Z . -16.48 -0.64 6.30
ZN ZN AA . -9.14 4.46 -5.52
CA1 DGA BA . -8.67 -5.43 -15.45
CA2 DGA BA . -8.81 -5.47 -16.94
CA3 DGA BA . -8.56 -6.91 -17.31
CA4 DGA BA . -7.07 -7.06 -17.58
CA5 DGA BA . -6.89 -7.93 -18.81
CA6 DGA BA . -7.69 -7.34 -19.97
CA7 DGA BA . -7.58 -8.24 -21.20
CA8 DGA BA . -6.48 -7.75 -22.12
OA1 DGA BA . -7.70 -4.96 -14.89
CB1 DGA BA . -11.71 -8.57 -13.33
CB2 DGA BA . -11.51 -10.00 -12.97
CB3 DGA BA . -10.46 -10.49 -13.92
CB4 DGA BA . -11.17 -10.83 -15.20
CB5 DGA BA . -10.92 -9.71 -16.18
CB6 DGA BA . -11.56 -10.16 -17.47
CB7 DGA BA . -10.58 -11.07 -18.17
CB8 DGA BA . -9.70 -10.28 -19.11
OB1 DGA BA . -12.66 -8.16 -13.96
OG1 DGA BA . -9.73 -5.99 -14.65
CG1 DGA BA . -9.90 -5.56 -13.32
CG2 DGA BA . -11.12 -6.34 -12.85
OG2 DGA BA . -10.69 -7.69 -12.92
CG3 DGA BA . -11.44 -6.00 -11.39
OXT DGA BA . -11.73 -4.59 -11.25
N DPV CA . -12.02 8.36 -15.42
N DPV CA . -13.15 6.85 -15.10
P DPV CA . -10.34 3.74 -15.26
P DPV CA . -10.07 3.89 -15.48
C1 DPV CA . -11.81 2.20 -16.85
C1 DPV CA . -11.02 1.70 -16.51
C2 DPV CA . -11.56 1.22 -17.98
C2 DPV CA . -11.46 1.35 -17.93
C3 DPV CA . -12.60 0.12 -18.05
C3 DPV CA . -12.50 0.25 -17.94
C4 DPV CA . -10.77 6.29 -15.00
C4 DPV CA . -10.84 6.22 -14.63
C5 DPV CA . -10.95 7.50 -15.90
C5 DPV CA . -11.76 7.24 -15.29
C6 DPV CA . -13.31 7.85 -15.86
C6 DPV CA . -13.35 5.49 -15.53
C7 DPV CA . -11.80 9.69 -16.00
C7 DPV CA . -13.99 7.71 -15.92
C8 DPV CA . -11.99 8.46 -13.97
C8 DPV CA . -13.49 6.98 -13.69
C15 DPV CA . -12.37 -0.76 -19.26
C15 DPV CA . -12.16 -0.81 -18.98
C16 DPV CA . -11.94 -2.15 -18.84
C16 DPV CA . -12.60 -2.20 -18.53
C17 DPV CA . -13.13 -3.07 -18.68
C17 DPV CA . -11.56 -3.25 -18.95
C18 DPV CA . -12.75 -4.28 -17.83
C18 DPV CA . -11.43 -3.34 -20.46
C19 DPV CA . -12.37 -5.46 -18.71
C19 DPV CA . -10.12 -3.99 -20.87
O1P DPV CA . -9.04 3.37 -14.58
O1P DPV CA . -8.73 3.51 -16.05
C20 DPV CA . -12.66 -6.82 -18.08
C20 DPV CA . -10.38 -5.35 -21.52
C21 DPV CA . -13.88 -7.45 -18.73
C21 DPV CA . -10.06 -5.33 -23.02
C22 DPV CA . -13.52 -8.58 -19.68
C22 DPV CA . -9.68 -6.71 -23.54
C23 DPV CA . -12.29 -8.29 -20.54
C23 DPV CA . -8.72 -6.63 -24.72
O2P DPV CA . -11.48 3.58 -14.30
O2P DPV CA . -10.13 3.56 -14.00
O3P DPV CA . -10.56 2.74 -16.56
O3P DPV CA . -11.25 3.05 -16.27
O4P DPV CA . -10.28 5.27 -15.81
O4P DPV CA . -10.26 5.51 -15.67
ZN ZN DA . -6.27 14.28 -7.10
ZN ZN EA . -13.59 24.33 1.23
CA1 DGA FA . -27.48 17.29 -2.62
CA2 DGA FA . -28.32 17.21 -3.88
CA3 DGA FA . -29.72 17.73 -3.58
CA4 DGA FA . -30.48 18.00 -4.87
CA5 DGA FA . -31.98 18.16 -4.64
CA6 DGA FA . -32.27 19.33 -3.70
CA7 DGA FA . -33.78 19.59 -3.63
CA8 DGA FA . -34.23 19.60 -2.17
OA1 DGA FA . -27.63 16.50 -1.70
CB1 DGA FA . -27.26 21.76 0.02
CB2 DGA FA . -28.73 21.52 0.33
CB3 DGA FA . -29.58 22.71 -0.08
CB4 DGA FA . -31.03 22.25 -0.24
CB5 DGA FA . -31.95 23.43 -0.52
CB6 DGA FA . -33.36 22.97 -0.88
CB7 DGA FA . -33.85 23.67 -2.13
CB8 DGA FA . -35.23 23.21 -2.53
OB1 DGA FA . -26.90 22.83 -0.44
OG1 DGA FA . -26.52 18.35 -2.44
CG1 DGA FA . -26.95 19.39 -1.57
CG2 DGA FA . -25.78 20.03 -0.86
OG2 DGA FA . -26.25 20.75 0.29
CG3 DGA FA . -24.89 18.89 -0.42
OXT DGA FA . -23.55 18.98 -0.91
N DPV GA . -25.67 22.14 7.69
P DPV GA . -21.27 24.66 7.30
C1 DPV GA . -19.77 23.53 9.14
C2 DPV GA . -18.53 22.65 9.03
C3 DPV GA . -17.25 23.40 9.44
C4 DPV GA . -23.48 23.28 7.76
C5 DPV GA . -25.00 23.43 7.70
C6 DPV GA . -27.08 22.31 7.33
C7 DPV GA . -25.58 21.54 9.00
C8 DPV GA . -25.02 21.28 6.72
C15 DPV GA . -16.40 22.69 10.49
C16 DPV GA . -15.26 23.56 11.00
C17 DPV GA . -14.54 23.02 12.25
C18 DPV GA . -13.12 23.57 12.40
C19 DPV GA . -12.29 22.85 13.47
O1P DPV GA . -20.70 24.89 5.92
C20 DPV GA . -10.79 23.05 13.30
C21 DPV GA . -9.97 21.86 13.81
C22 DPV GA . -8.67 21.66 13.02
C23 DPV GA . -7.97 20.33 13.35
O2P DPV GA . -20.99 25.89 8.11
O3P DPV GA . -20.59 23.34 8.02
O4P DPV GA . -22.90 24.41 7.17
ZN ZN HA . -15.48 47.87 -5.13
ZN ZN IA . -20.35 34.19 -8.71
CA1 DGA JA . -29.12 29.90 1.22
CA2 DGA JA . -30.12 28.77 1.09
CA3 DGA JA . -30.35 28.17 2.47
CA4 DGA JA . -31.43 27.09 2.41
CA5 DGA JA . -32.61 27.62 1.60
CA6 DGA JA . -33.33 26.53 0.80
CA7 DGA JA . -34.24 27.12 -0.28
CA8 DGA JA . -33.52 27.30 -1.60
OA1 DGA JA . -28.39 29.92 2.17
CB1 DGA JA . -29.41 33.62 3.54
CB2 DGA JA . -30.87 33.79 3.88
CB3 DGA JA . -31.40 32.44 4.35
CB4 DGA JA . -30.54 31.89 5.49
CB5 DGA JA . -31.30 30.90 6.36
CB6 DGA JA . -31.11 31.24 7.83
CB7 DGA JA . -30.87 30.00 8.67
CB8 DGA JA . -31.87 29.86 9.80
OB1 DGA JA . -28.55 34.29 4.09
OG1 DGA JA . -28.98 30.97 0.23
CG1 DGA JA . -29.73 32.19 0.26
CG2 DGA JA . -29.24 33.24 1.26
OG2 DGA JA . -29.04 32.65 2.53
CG3 DGA JA . -27.95 33.99 0.89
OXT DGA JA . -27.85 34.32 -0.50
N DPV KA . -33.10 29.08 -5.90
P DPV KA . -28.64 29.15 -8.37
C1 DPV KA . -29.71 30.38 -10.41
C2 DPV KA . -29.00 31.63 -10.90
C3 DPV KA . -28.82 31.64 -12.41
C4 DPV KA . -30.79 29.06 -6.85
C5 DPV KA . -32.25 29.49 -7.01
C6 DPV KA . -34.47 29.25 -6.30
C7 DPV KA . -32.86 29.91 -4.73
C8 DPV KA . -32.86 27.68 -5.55
C15 DPV KA . -28.49 33.03 -12.93
C16 DPV KA . -29.52 33.56 -13.93
C17 DPV KA . -30.01 34.95 -13.53
C18 DPV KA . -29.76 36.00 -14.62
C19 DPV KA . -28.27 36.36 -14.76
O1P DPV KA . -27.37 29.70 -7.76
C20 DPV KA . -27.99 37.86 -14.68
C21 DPV KA . -26.50 38.19 -14.68
C22 DPV KA . -26.19 39.49 -13.95
C23 DPV KA . -24.73 39.58 -13.50
O2P DPV KA . -28.65 27.66 -8.12
O3P DPV KA . -28.72 29.48 -9.98
O4P DPV KA . -29.98 29.85 -7.68
C1 EOH LA . -19.39 47.96 4.02
C2 EOH LA . -17.93 47.82 4.43
O EOH LA . -19.77 46.79 3.36
ZN ZN MA . -16.69 25.24 -18.15
ZN ZN NA . -21.39 13.54 -25.88
CA1 DGA OA . -11.08 3.86 -26.75
CA2 DGA OA . -10.68 2.41 -26.92
CA3 DGA OA . -9.47 2.34 -27.85
CA4 DGA OA . -8.93 0.93 -28.06
CA5 DGA OA . -9.73 0.19 -29.11
CA6 DGA OA . -8.97 -1.06 -29.58
CA7 DGA OA . -8.82 -1.06 -31.10
CA8 DGA OA . -8.64 -2.47 -31.62
OA1 DGA OA . -11.68 4.49 -27.61
CB1 DGA OA . -8.05 5.94 -23.66
CB2 DGA OA . -6.60 6.11 -24.09
CB3 DGA OA . -5.80 4.82 -24.17
CB4 DGA OA . -6.75 3.65 -24.16
CB5 DGA OA . -6.38 2.54 -25.11
CB6 DGA OA . -6.70 1.28 -24.31
CB7 DGA OA . -5.75 0.16 -24.71
CB8 DGA OA . -6.41 -0.59 -25.86
OB1 DGA OA . -8.45 5.42 -22.65
OG1 DGA OA . -10.76 4.58 -25.54
CG1 DGA OA . -11.13 5.95 -25.35
CG2 DGA OA . -10.37 6.45 -24.14
OG2 DGA OA . -9.01 6.47 -24.56
CG3 DGA OA . -10.75 7.89 -23.79
OXT DGA OA . -12.14 8.02 -23.44
N DPV PA . -17.13 1.06 -22.81
P DPV PA . -20.50 3.82 -25.04
C1 DPV PA . -22.68 2.83 -23.99
C2 DPV PA . -22.63 3.64 -22.69
C3 DPV PA . -23.82 4.61 -22.61
C4 DPV PA . -18.44 2.45 -24.29
C5 DPV PA . -18.47 1.52 -23.09
C6 DPV PA . -17.23 -0.11 -21.95
C7 DPV PA . -16.43 2.10 -22.10
C8 DPV PA . -16.45 0.75 -24.05
C15 DPV PA . -25.11 3.80 -22.65
C16 DPV PA . -26.07 4.38 -23.67
C17 DPV PA . -25.55 4.27 -25.10
C18 DPV PA . -26.65 3.85 -26.05
C19 DPV PA . -26.21 2.77 -27.04
O1P DPV PA . -20.24 4.78 -23.91
C20 DPV PA . -26.09 3.35 -28.45
C21 DPV PA . -26.66 2.41 -29.51
C22 DPV PA . -27.71 3.14 -30.39
C23 DPV PA . -27.84 2.51 -31.79
O2P DPV PA . -20.09 4.45 -26.34
O3P DPV PA . -22.13 3.56 -25.06
O4P DPV PA . -19.72 2.41 -24.83
#